data_9E6P
#
_entry.id   9E6P
#
_cell.length_a   44.859
_cell.length_b   72.184
_cell.length_c   42.810
_cell.angle_alpha   90.000
_cell.angle_beta   90.000
_cell.angle_gamma   90.000
#
_symmetry.space_group_name_H-M   'P 21 21 2'
#
_entity_poly.entity_id   1
_entity_poly.type   'polypeptide(L)'
_entity_poly.pdbx_seq_one_letter_code
;GAPIANELRCQCLQTMAGIHLKNIQSLCVLPSGPHCTQTEVIATLKNGREACLDPEAPLVQKIVQKMLKGVPK
;
_entity_poly.pdbx_strand_id   A,B
#
# COMPACT_ATOMS: atom_id res chain seq x y z
N GLU A 7 1.39 20.44 -0.14
CA GLU A 7 2.77 20.48 -0.58
C GLU A 7 3.68 20.99 0.54
N LEU A 8 3.31 20.70 1.79
CA LEU A 8 4.00 21.24 2.94
C LEU A 8 4.54 20.18 3.90
N ARG A 9 4.03 18.95 3.89
CA ARG A 9 4.68 17.83 4.59
C ARG A 9 4.63 16.57 3.75
N CYS A 10 4.87 16.71 2.44
CA CYS A 10 4.96 15.55 1.56
C CYS A 10 6.23 14.76 1.85
N GLN A 11 6.12 13.43 1.68
CA GLN A 11 7.26 12.54 1.88
C GLN A 11 8.01 12.22 0.58
N CYS A 12 7.52 12.68 -0.57
CA CYS A 12 8.15 12.41 -1.85
C CYS A 12 8.41 13.71 -2.59
N LEU A 13 9.65 13.89 -3.04
CA LEU A 13 10.05 15.03 -3.85
C LEU A 13 10.11 14.70 -5.33
N GLN A 14 9.84 13.45 -5.70
CA GLN A 14 9.99 13.02 -7.07
C GLN A 14 9.47 11.61 -7.20
N THR A 15 8.89 11.31 -8.36
CA THR A 15 8.45 9.96 -8.68
C THR A 15 9.42 9.35 -9.70
N MET A 16 9.61 8.04 -9.59
CA MET A 16 10.55 7.33 -10.44
C MET A 16 9.89 6.02 -10.87
N ALA A 17 10.34 5.50 -12.01
CA ALA A 17 9.74 4.32 -12.61
C ALA A 17 10.81 3.28 -12.90
N GLY A 18 10.36 2.04 -13.11
CA GLY A 18 11.25 0.92 -13.29
C GLY A 18 11.24 -0.10 -12.16
N ILE A 19 10.28 -0.01 -11.25
CA ILE A 19 10.22 -0.89 -10.08
C ILE A 19 9.78 -2.30 -10.46
N HIS A 20 10.39 -3.30 -9.82
CA HIS A 20 10.06 -4.70 -10.03
C HIS A 20 9.50 -5.28 -8.73
N LEU A 21 8.48 -6.13 -8.86
CA LEU A 21 7.85 -6.70 -7.67
C LEU A 21 8.82 -7.54 -6.87
N LYS A 22 9.74 -8.25 -7.54
CA LYS A 22 10.64 -9.15 -6.83
C LYS A 22 11.41 -8.42 -5.73
N ASN A 23 11.76 -7.16 -5.95
CA ASN A 23 12.55 -6.42 -4.99
C ASN A 23 11.72 -5.82 -3.85
N ILE A 24 10.42 -5.62 -4.03
CA ILE A 24 9.62 -4.90 -3.05
C ILE A 24 9.33 -5.79 -1.85
N GLN A 25 9.56 -5.26 -0.65
CA GLN A 25 9.08 -5.91 0.57
C GLN A 25 7.86 -5.23 1.15
N SER A 26 7.66 -3.94 0.85
CA SER A 26 6.46 -3.27 1.33
C SER A 26 6.10 -2.11 0.42
N LEU A 27 4.85 -2.06 -0.02
CA LEU A 27 4.33 -0.96 -0.83
C LEU A 27 3.23 -0.28 0.00
N CYS A 28 3.28 1.04 0.12
CA CYS A 28 2.31 1.76 0.94
C CYS A 28 1.83 3.00 0.22
N VAL A 29 0.51 3.21 0.25
CA VAL A 29 -0.17 4.31 -0.43
C VAL A 29 -0.50 5.38 0.60
N LEU A 30 -0.07 6.62 0.34
CA LEU A 30 -0.38 7.75 1.19
C LEU A 30 -1.40 8.61 0.45
N PRO A 31 -2.69 8.54 0.80
CA PRO A 31 -3.69 9.30 0.06
C PRO A 31 -3.51 10.79 0.27
N SER A 32 -3.94 11.57 -0.73
CA SER A 32 -3.79 13.01 -0.68
C SER A 32 -4.66 13.61 0.43
N GLY A 33 -4.16 14.71 1.00
CA GLY A 33 -4.85 15.43 2.04
C GLY A 33 -4.21 16.78 2.30
N PRO A 34 -4.52 17.40 3.45
CA PRO A 34 -3.82 18.64 3.80
C PRO A 34 -2.33 18.45 3.88
N HIS A 35 -1.88 17.25 4.25
CA HIS A 35 -0.46 16.98 4.34
C HIS A 35 0.23 17.11 2.99
N CYS A 36 -0.39 16.59 1.93
CA CYS A 36 0.25 16.56 0.62
C CYS A 36 -0.79 16.70 -0.48
N THR A 37 -0.43 17.45 -1.53
CA THR A 37 -1.39 17.74 -2.59
C THR A 37 -1.78 16.49 -3.37
N GLN A 38 -0.82 15.59 -3.60
CA GLN A 38 -1.03 14.41 -4.43
C GLN A 38 -0.82 13.13 -3.64
N THR A 39 -1.56 12.10 -4.02
CA THR A 39 -1.33 10.77 -3.47
C THR A 39 0.06 10.29 -3.84
N GLU A 40 0.69 9.56 -2.93
CA GLU A 40 2.07 9.12 -3.08
C GLU A 40 2.16 7.62 -2.87
N VAL A 41 3.03 6.95 -3.63
CA VAL A 41 3.30 5.53 -3.39
C VAL A 41 4.74 5.42 -2.92
N ILE A 42 4.96 4.76 -1.79
CA ILE A 42 6.31 4.52 -1.29
C ILE A 42 6.53 3.03 -1.21
N ALA A 43 7.53 2.53 -1.93
CA ALA A 43 7.86 1.10 -1.92
C ALA A 43 9.21 0.97 -1.23
N THR A 44 9.20 0.39 -0.04
CA THR A 44 10.41 0.01 0.66
C THR A 44 10.84 -1.36 0.16
N LEU A 45 12.04 -1.44 -0.39
CA LEU A 45 12.58 -2.64 -0.99
C LEU A 45 13.19 -3.54 0.09
N LYS A 46 13.54 -4.76 -0.31
CA LYS A 46 14.12 -5.71 0.63
C LYS A 46 15.48 -5.24 1.14
N ASN A 47 16.24 -4.53 0.31
CA ASN A 47 17.52 -3.98 0.74
C ASN A 47 17.37 -2.88 1.79
N GLY A 48 16.17 -2.32 1.92
CA GLY A 48 15.88 -1.29 2.90
C GLY A 48 15.72 0.10 2.32
N ARG A 49 16.11 0.31 1.06
CA ARG A 49 15.89 1.60 0.41
C ARG A 49 14.41 1.78 0.08
N GLU A 50 14.03 3.04 -0.12
CA GLU A 50 12.65 3.39 -0.42
C GLU A 50 12.60 4.12 -1.76
N ALA A 51 11.53 3.89 -2.51
CA ALA A 51 11.35 4.48 -3.83
C ALA A 51 9.97 5.10 -3.92
N CYS A 52 9.91 6.35 -4.38
CA CYS A 52 8.64 7.05 -4.58
C CYS A 52 8.10 6.75 -5.98
N LEU A 53 6.89 6.22 -6.02
CA LEU A 53 6.19 5.86 -7.24
C LEU A 53 4.92 6.69 -7.40
N ASP A 54 4.55 6.89 -8.66
CA ASP A 54 3.42 7.72 -9.03
C ASP A 54 2.17 6.86 -9.09
N PRO A 55 1.15 7.12 -8.27
CA PRO A 55 -0.03 6.23 -8.26
C PRO A 55 -0.73 6.14 -9.60
N GLU A 56 -0.73 7.22 -10.39
CA GLU A 56 -1.41 7.21 -11.68
C GLU A 56 -0.76 6.25 -12.67
N ALA A 57 0.50 5.88 -12.45
CA ALA A 57 1.21 5.03 -13.39
C ALA A 57 0.56 3.66 -13.49
N PRO A 58 0.42 3.10 -14.69
CA PRO A 58 -0.16 1.75 -14.81
C PRO A 58 0.70 0.66 -14.17
N LEU A 59 2.02 0.78 -14.28
CA LEU A 59 2.90 -0.28 -13.78
C LEU A 59 2.75 -0.47 -12.27
N VAL A 60 2.69 0.62 -11.52
CA VAL A 60 2.60 0.52 -10.07
C VAL A 60 1.28 -0.14 -9.68
N GLN A 61 0.19 0.22 -10.37
CA GLN A 61 -1.10 -0.39 -10.11
C GLN A 61 -1.04 -1.89 -10.42
N LYS A 62 -0.39 -2.26 -11.52
CA LYS A 62 -0.24 -3.67 -11.84
C LYS A 62 0.53 -4.41 -10.76
N ILE A 63 1.60 -3.80 -10.23
CA ILE A 63 2.37 -4.46 -9.17
C ILE A 63 1.51 -4.61 -7.92
N VAL A 64 0.72 -3.60 -7.60
CA VAL A 64 -0.16 -3.69 -6.43
C VAL A 64 -1.14 -4.85 -6.61
N GLN A 65 -1.79 -4.91 -7.77
CA GLN A 65 -2.76 -5.97 -8.01
C GLN A 65 -2.10 -7.34 -8.05
N LYS A 66 -0.84 -7.42 -8.49
CA LYS A 66 -0.12 -8.68 -8.45
C LYS A 66 0.22 -9.09 -7.01
N MET A 67 0.60 -8.12 -6.17
CA MET A 67 0.83 -8.44 -4.76
C MET A 67 -0.42 -9.00 -4.11
N LEU A 68 -1.54 -8.29 -4.27
CA LEU A 68 -2.77 -8.75 -3.63
C LEU A 68 -3.18 -10.13 -4.16
N LYS A 69 -3.06 -10.33 -5.47
CA LYS A 69 -3.39 -11.59 -6.12
C LYS A 69 -2.22 -11.97 -7.02
N GLY A 70 -1.51 -13.04 -6.66
CA GLY A 70 -0.37 -13.48 -7.43
C GLY A 70 0.93 -13.41 -6.65
N VAL A 71 2.05 -13.28 -7.38
CA VAL A 71 3.40 -13.21 -6.81
C VAL A 71 3.45 -13.23 -5.30
N LEU B 8 10.37 -10.99 8.98
CA LEU B 8 10.77 -12.20 9.68
C LEU B 8 9.54 -12.96 10.17
N ARG B 9 8.47 -12.22 10.45
CA ARG B 9 7.23 -12.83 10.91
C ARG B 9 6.05 -12.00 10.43
N CYS B 10 4.87 -12.60 10.50
CA CYS B 10 3.65 -11.89 10.11
C CYS B 10 3.40 -10.75 11.09
N GLN B 11 2.87 -9.65 10.58
CA GLN B 11 2.53 -8.49 11.39
C GLN B 11 1.08 -8.50 11.83
N CYS B 12 0.29 -9.46 11.37
CA CYS B 12 -1.14 -9.53 11.67
C CYS B 12 -1.47 -10.86 12.33
N LEU B 13 -2.11 -10.79 13.49
CA LEU B 13 -2.58 -11.97 14.21
C LEU B 13 -4.08 -12.20 14.01
N GLN B 14 -4.72 -11.41 13.15
CA GLN B 14 -6.15 -11.53 12.91
C GLN B 14 -6.48 -10.80 11.61
N THR B 15 -7.78 -10.74 11.30
CA THR B 15 -8.28 -10.01 10.15
C THR B 15 -9.57 -9.31 10.55
N MET B 16 -9.81 -8.16 9.92
CA MET B 16 -10.95 -7.32 10.26
C MET B 16 -11.63 -6.86 8.98
N ALA B 17 -12.94 -6.61 9.09
CA ALA B 17 -13.75 -6.19 7.97
C ALA B 17 -14.57 -4.98 8.37
N GLY B 18 -15.03 -4.24 7.37
CA GLY B 18 -15.80 -3.04 7.56
C GLY B 18 -15.05 -1.76 7.33
N ILE B 19 -13.78 -1.82 6.95
CA ILE B 19 -13.00 -0.62 6.69
C ILE B 19 -13.34 -0.11 5.31
N HIS B 20 -13.50 1.19 5.18
CA HIS B 20 -13.87 1.84 3.93
C HIS B 20 -12.77 2.80 3.51
N LEU B 21 -12.64 3.01 2.19
CA LEU B 21 -11.58 3.88 1.69
C LEU B 21 -11.67 5.25 2.34
N LYS B 22 -12.90 5.74 2.55
CA LYS B 22 -13.07 7.02 3.21
C LYS B 22 -12.43 7.04 4.58
N ASN B 23 -12.45 5.91 5.29
CA ASN B 23 -11.94 5.86 6.65
C ASN B 23 -10.42 5.72 6.73
N ILE B 24 -9.78 5.14 5.73
CA ILE B 24 -8.35 4.85 5.82
C ILE B 24 -7.55 6.12 5.57
N GLN B 25 -6.54 6.38 6.40
CA GLN B 25 -5.59 7.45 6.11
C GLN B 25 -4.29 6.95 5.51
N SER B 26 -3.91 5.69 5.76
CA SER B 26 -2.74 5.14 5.08
C SER B 26 -2.86 3.63 5.01
N LEU B 27 -2.72 3.09 3.80
CA LEU B 27 -2.83 1.65 3.55
C LEU B 27 -1.47 1.14 3.07
N CYS B 28 -1.03 0.02 3.61
CA CYS B 28 0.25 -0.53 3.18
C CYS B 28 0.15 -2.04 3.04
N VAL B 29 0.63 -2.55 1.90
CA VAL B 29 0.57 -3.94 1.52
C VAL B 29 1.95 -4.57 1.70
N LEU B 30 2.01 -5.68 2.44
CA LEU B 30 3.23 -6.45 2.65
C LEU B 30 3.12 -7.75 1.89
N PRO B 31 3.86 -7.92 0.79
CA PRO B 31 3.72 -9.13 -0.02
C PRO B 31 4.17 -10.38 0.70
N SER B 32 3.63 -11.52 0.24
CA SER B 32 3.95 -12.81 0.83
C SER B 32 5.42 -13.17 0.59
N GLY B 33 6.00 -13.88 1.55
CA GLY B 33 7.36 -14.34 1.46
C GLY B 33 7.70 -15.33 2.56
N PRO B 34 8.99 -15.58 2.77
CA PRO B 34 9.38 -16.43 3.91
C PRO B 34 8.95 -15.87 5.25
N HIS B 35 8.90 -14.54 5.37
CA HIS B 35 8.48 -13.93 6.62
C HIS B 35 7.05 -14.30 6.97
N CYS B 36 6.17 -14.31 5.98
CA CYS B 36 4.75 -14.56 6.21
C CYS B 36 4.19 -15.30 5.01
N THR B 37 3.34 -16.30 5.27
CA THR B 37 2.83 -17.15 4.20
C THR B 37 1.88 -16.39 3.29
N GLN B 38 1.11 -15.47 3.84
CA GLN B 38 0.07 -14.76 3.10
C GLN B 38 0.41 -13.28 3.03
N THR B 39 0.05 -12.66 1.91
CA THR B 39 0.17 -11.21 1.81
C THR B 39 -0.73 -10.59 2.87
N GLU B 40 -0.27 -9.50 3.48
CA GLU B 40 -1.05 -8.87 4.53
C GLU B 40 -1.18 -7.38 4.23
N VAL B 41 -2.37 -6.84 4.46
CA VAL B 41 -2.63 -5.42 4.28
C VAL B 41 -2.88 -4.81 5.64
N ILE B 42 -2.17 -3.75 5.97
CA ILE B 42 -2.37 -3.03 7.22
C ILE B 42 -2.80 -1.61 6.88
N ALA B 43 -4.00 -1.23 7.33
CA ALA B 43 -4.57 0.08 7.07
C ALA B 43 -4.69 0.82 8.39
N THR B 44 -3.94 1.91 8.53
CA THR B 44 -4.14 2.83 9.64
C THR B 44 -5.25 3.81 9.25
N LEU B 45 -6.28 3.85 10.08
CA LEU B 45 -7.49 4.61 9.84
C LEU B 45 -7.29 6.07 10.22
N LYS B 46 -8.28 6.90 9.87
CA LYS B 46 -8.20 8.32 10.19
C LYS B 46 -8.20 8.54 11.69
N ASN B 47 -8.89 7.68 12.45
CA ASN B 47 -8.84 7.78 13.90
C ASN B 47 -7.46 7.43 14.45
N GLY B 48 -6.62 6.75 13.66
CA GLY B 48 -5.25 6.46 14.02
C GLY B 48 -4.97 5.02 14.41
N ARG B 49 -6.00 4.25 14.74
CA ARG B 49 -5.80 2.83 15.01
C ARG B 49 -5.53 2.09 13.70
N GLU B 50 -4.99 0.88 13.82
CA GLU B 50 -4.62 0.09 12.66
C GLU B 50 -5.50 -1.14 12.59
N ALA B 51 -5.84 -1.54 11.36
CA ALA B 51 -6.69 -2.69 11.10
C ALA B 51 -6.05 -3.53 10.01
N CYS B 52 -5.95 -4.82 10.26
CA CYS B 52 -5.45 -5.77 9.28
C CYS B 52 -6.60 -6.20 8.37
N LEU B 53 -6.40 -6.04 7.07
CA LEU B 53 -7.41 -6.37 6.07
C LEU B 53 -6.94 -7.56 5.25
N ASP B 54 -7.90 -8.32 4.73
CA ASP B 54 -7.58 -9.55 4.02
C ASP B 54 -7.38 -9.24 2.54
N PRO B 55 -6.19 -9.45 2.00
CA PRO B 55 -5.97 -9.09 0.59
C PRO B 55 -6.86 -9.85 -0.37
N GLU B 56 -7.22 -11.09 -0.05
CA GLU B 56 -8.04 -11.90 -0.95
C GLU B 56 -9.43 -11.31 -1.16
N ALA B 57 -9.91 -10.49 -0.22
CA ALA B 57 -11.24 -9.93 -0.35
C ALA B 57 -11.29 -9.01 -1.57
N PRO B 58 -12.37 -9.07 -2.36
CA PRO B 58 -12.48 -8.13 -3.50
C PRO B 58 -12.53 -6.68 -3.06
N LEU B 59 -13.19 -6.40 -1.93
CA LEU B 59 -13.35 -5.03 -1.49
C LEU B 59 -12.01 -4.38 -1.23
N VAL B 60 -11.09 -5.09 -0.57
CA VAL B 60 -9.80 -4.50 -0.24
C VAL B 60 -9.02 -4.15 -1.51
N GLN B 61 -9.04 -5.05 -2.49
CA GLN B 61 -8.35 -4.77 -3.75
C GLN B 61 -8.94 -3.57 -4.47
N LYS B 62 -10.27 -3.51 -4.53
CA LYS B 62 -10.92 -2.37 -5.18
C LYS B 62 -10.59 -1.07 -4.46
N ILE B 63 -10.60 -1.09 -3.12
CA ILE B 63 -10.30 0.10 -2.35
C ILE B 63 -8.85 0.52 -2.55
N VAL B 64 -7.92 -0.44 -2.59
CA VAL B 64 -6.51 -0.09 -2.82
C VAL B 64 -6.34 0.63 -4.15
N GLN B 65 -6.87 0.03 -5.22
CA GLN B 65 -6.71 0.66 -6.52
C GLN B 65 -7.46 1.98 -6.60
N LYS B 66 -8.58 2.12 -5.89
CA LYS B 66 -9.28 3.40 -5.85
C LYS B 66 -8.45 4.46 -5.13
N MET B 67 -7.76 4.08 -4.05
CA MET B 67 -6.84 5.01 -3.40
C MET B 67 -5.80 5.49 -4.39
N LEU B 68 -5.19 4.55 -5.13
CA LEU B 68 -4.19 4.95 -6.11
C LEU B 68 -4.79 5.93 -7.12
N LYS B 69 -6.01 5.66 -7.59
CA LYS B 69 -6.64 6.56 -8.55
C LYS B 69 -6.88 7.94 -7.96
N GLY B 70 -7.02 8.06 -6.65
CA GLY B 70 -7.27 9.32 -5.98
C GLY B 70 -8.59 9.43 -5.27
N VAL B 71 -9.41 8.37 -5.27
CA VAL B 71 -10.70 8.38 -4.60
C VAL B 71 -10.51 8.62 -3.10
#